data_3VII
#
_entry.id   3VII
#
_cell.length_a   93.020
_cell.length_b   68.472
_cell.length_c   74.774
_cell.angle_alpha   90.00
_cell.angle_beta   95.32
_cell.angle_gamma   90.00
#
_symmetry.space_group_name_H-M   'C 1 2 1'
#
loop_
_entity.id
_entity.type
_entity.pdbx_description
1 polymer Beta-glucosidase
2 non-polymer 2-[BIS-(2-HYDROXY-ETHYL)-AMINO]-2-HYDROXYMETHYL-PROPANE-1,3-DIOL
3 non-polymer GLYCEROL
4 non-polymer 'SODIUM ION'
5 water water
#
_entity_poly.entity_id   1
_entity_poly.type   'polypeptide(L)'
_entity_poly.pdbx_seq_one_letter_code
;MDVASSDTVYTFPDEFKLGAATASYQIEGAWDENGKGPNIWDTLTHEHPDYVVDGATGDIADDSYHLYKEDVKILKELGA
QVYRFSISWARVLPEGHDNIVNQDGIDYYNNLINELLANGIEPMVTMYHWDLPQALQDLGGWPNLVLAKYSENYARVLFK
NFGDRVKLWLTFNEPLTFMDGYASEIGMAPSINTPGIGDYLAAHTVIHAHARIYHLYDQEFRAEQGGKVGISLNINWCEP
ATNSAEDRASCENYQQFNLGLYAHPIFTEEGDYPAVLKDRVSRNSADEGYTDSRLPQFTAEEVEYIRGTHDFLGINFYTA
LLGKSGVEGYEPSRYRDSGVILTQDAAWPISASSWLKVVPWGFRKELNWIKNEYNNPPVFITENGFSDYGGLNDTGRVHY
YTEHLKEMLKAIHEDGVNVIGYTAWSLMDNFEWLRGYSEKFGIYAVDFEDPARPRIPKESAKVLAEIMNTRKIPERFRDL
EHHHHHH
;
_entity_poly.pdbx_strand_id   A
#
loop_
_chem_comp.id
_chem_comp.type
_chem_comp.name
_chem_comp.formula
BTB non-polymer 2-[BIS-(2-HYDROXY-ETHYL)-AMINO]-2-HYDROXYMETHYL-PROPANE-1,3-DIOL 'C8 H19 N O5'
GOL non-polymer GLYCEROL 'C3 H8 O3'
NA non-polymer 'SODIUM ION' 'Na 1'
#
# COMPACT_ATOMS: atom_id res chain seq x y z
N THR A 8 -17.87 9.13 23.50
CA THR A 8 -17.20 9.94 22.43
C THR A 8 -16.03 9.21 21.80
N VAL A 9 -15.16 8.63 22.63
CA VAL A 9 -13.94 7.97 22.15
C VAL A 9 -14.24 6.71 21.34
N TYR A 10 -15.50 6.25 21.38
CA TYR A 10 -15.95 5.08 20.64
C TYR A 10 -16.78 5.38 19.39
N THR A 11 -16.96 6.67 19.07
CA THR A 11 -17.79 7.10 17.94
C THR A 11 -16.94 7.70 16.81
N PHE A 12 -17.24 7.32 15.57
CA PHE A 12 -16.51 7.90 14.45
C PHE A 12 -16.95 9.33 14.18
N PRO A 13 -16.00 10.22 13.83
CA PRO A 13 -16.41 11.56 13.41
C PRO A 13 -17.40 11.49 12.25
N ASP A 14 -18.31 12.47 12.20
CA ASP A 14 -19.39 12.41 11.22
C ASP A 14 -18.91 12.27 9.78
N GLU A 15 -17.83 12.95 9.43
CA GLU A 15 -17.35 12.96 8.03
C GLU A 15 -16.36 11.84 7.70
N PHE A 16 -16.02 11.04 8.70
CA PHE A 16 -15.05 9.96 8.53
C PHE A 16 -15.58 8.89 7.58
N LYS A 17 -14.74 8.43 6.65
CA LYS A 17 -15.17 7.46 5.63
C LYS A 17 -14.68 6.05 5.93
N LEU A 18 -15.60 5.09 5.99
CA LEU A 18 -15.30 3.69 6.25
C LEU A 18 -15.56 2.83 5.02
N GLY A 19 -14.66 1.88 4.76
CA GLY A 19 -14.89 0.96 3.66
C GLY A 19 -13.92 -0.20 3.66
N ALA A 20 -13.60 -0.68 2.46
CA ALA A 20 -12.75 -1.87 2.28
C ALA A 20 -11.93 -1.70 1.01
N ALA A 21 -10.90 -2.52 0.88
CA ALA A 21 -9.87 -2.36 -0.13
C ALA A 21 -9.49 -3.67 -0.81
N THR A 22 -9.08 -3.54 -2.09
CA THR A 22 -8.51 -4.62 -2.89
C THR A 22 -7.41 -4.03 -3.79
N ALA A 23 -6.78 -4.90 -4.58
CA ALA A 23 -5.81 -4.52 -5.59
C ALA A 23 -6.04 -5.39 -6.82
N SER A 24 -5.71 -4.86 -8.00
CA SER A 24 -6.06 -5.46 -9.27
C SER A 24 -5.52 -6.88 -9.45
N TYR A 25 -4.22 -7.09 -9.34
CA TYR A 25 -3.69 -8.41 -9.62
C TYR A 25 -4.22 -9.42 -8.60
N GLN A 26 -4.51 -8.95 -7.40
CA GLN A 26 -4.95 -9.86 -6.34
C GLN A 26 -6.36 -10.39 -6.57
N ILE A 27 -7.18 -9.68 -7.33
CA ILE A 27 -8.59 -10.02 -7.46
C ILE A 27 -9.09 -10.25 -8.87
N GLU A 28 -8.52 -9.63 -9.89
CA GLU A 28 -9.24 -9.51 -11.17
C GLU A 28 -9.31 -10.75 -12.01
N GLY A 29 -8.21 -11.49 -12.07
CA GLY A 29 -8.08 -12.52 -13.09
C GLY A 29 -8.06 -11.93 -14.49
N ALA A 30 -8.58 -12.68 -15.47
CA ALA A 30 -8.67 -12.20 -16.84
C ALA A 30 -7.33 -11.61 -17.29
N TRP A 31 -6.25 -12.32 -16.97
CA TRP A 31 -4.90 -11.75 -17.08
C TRP A 31 -4.46 -11.47 -18.53
N ASP A 32 -5.09 -12.13 -19.50
CA ASP A 32 -4.79 -11.89 -20.90
C ASP A 32 -6.06 -11.71 -21.74
N GLU A 33 -7.15 -11.33 -21.08
CA GLU A 33 -8.42 -11.21 -21.76
C GLU A 33 -8.58 -9.83 -22.40
N ASN A 34 -9.20 -9.84 -23.57
CA ASN A 34 -9.64 -8.61 -24.22
C ASN A 34 -8.56 -7.54 -24.29
N GLY A 35 -7.38 -7.96 -24.73
CA GLY A 35 -6.32 -7.02 -25.05
C GLY A 35 -5.38 -6.65 -23.91
N LYS A 36 -5.62 -7.14 -22.69
CA LYS A 36 -4.73 -6.80 -21.60
C LYS A 36 -3.33 -7.32 -21.89
N GLY A 37 -2.31 -6.48 -21.65
CA GLY A 37 -0.93 -6.90 -21.82
C GLY A 37 -0.36 -7.51 -20.56
N PRO A 38 0.82 -8.15 -20.69
CA PRO A 38 1.40 -8.85 -19.55
C PRO A 38 2.07 -7.89 -18.59
N ASN A 39 1.98 -8.21 -17.30
CA ASN A 39 2.67 -7.46 -16.28
C ASN A 39 3.68 -8.37 -15.55
N ILE A 40 4.43 -7.75 -14.64
CA ILE A 40 5.52 -8.46 -13.97
C ILE A 40 5.03 -9.59 -13.05
N TRP A 41 3.77 -9.54 -12.63
CA TRP A 41 3.21 -10.61 -11.81
C TRP A 41 2.72 -11.78 -12.69
N ASP A 42 2.20 -11.50 -13.88
CA ASP A 42 2.01 -12.55 -14.87
C ASP A 42 3.35 -13.27 -15.08
N THR A 43 4.42 -12.49 -15.29
CA THR A 43 5.71 -13.08 -15.55
C THR A 43 6.19 -13.94 -14.37
N LEU A 44 6.12 -13.38 -13.17
CA LEU A 44 6.60 -14.11 -12.00
C LEU A 44 5.84 -15.42 -11.83
N THR A 45 4.52 -15.34 -11.84
CA THR A 45 3.74 -16.53 -11.49
C THR A 45 3.78 -17.57 -12.60
N HIS A 46 4.01 -17.15 -13.84
CA HIS A 46 4.14 -18.10 -14.95
C HIS A 46 5.52 -18.70 -15.09
N GLU A 47 6.55 -17.89 -14.90
CA GLU A 47 7.92 -18.35 -15.10
C GLU A 47 8.57 -18.91 -13.84
N HIS A 48 8.12 -18.43 -12.69
CA HIS A 48 8.74 -18.77 -11.42
C HIS A 48 7.72 -19.21 -10.38
N PRO A 49 6.95 -20.28 -10.68
CA PRO A 49 6.00 -20.78 -9.69
C PRO A 49 6.66 -21.28 -8.42
N ASP A 50 7.96 -21.60 -8.51
CA ASP A 50 8.73 -21.98 -7.33
C ASP A 50 8.89 -20.83 -6.33
N TYR A 51 8.58 -19.60 -6.72
CA TYR A 51 8.63 -18.48 -5.78
C TYR A 51 7.35 -18.32 -4.97
N VAL A 52 6.28 -19.02 -5.35
CA VAL A 52 4.94 -18.77 -4.83
C VAL A 52 4.42 -20.03 -4.14
N VAL A 53 3.81 -19.87 -2.97
CA VAL A 53 3.16 -21.00 -2.30
C VAL A 53 2.17 -21.66 -3.26
N ASP A 54 2.28 -22.98 -3.35
CA ASP A 54 1.39 -23.79 -4.20
C ASP A 54 1.59 -23.55 -5.69
N GLY A 55 2.60 -22.78 -6.10
CA GLY A 55 2.68 -22.37 -7.51
C GLY A 55 1.44 -21.63 -7.97
N ALA A 56 0.82 -20.89 -7.05
CA ALA A 56 -0.42 -20.18 -7.37
C ALA A 56 -0.17 -19.04 -8.36
N THR A 57 -1.21 -18.71 -9.12
CA THR A 57 -1.16 -17.55 -10.01
C THR A 57 -2.40 -16.69 -9.78
N GLY A 58 -2.32 -15.46 -10.27
CA GLY A 58 -3.49 -14.61 -10.38
C GLY A 58 -4.24 -14.71 -11.70
N ASP A 59 -4.11 -15.82 -12.41
CA ASP A 59 -4.76 -15.91 -13.71
C ASP A 59 -6.26 -15.73 -13.62
N ILE A 60 -6.87 -16.26 -12.56
CA ILE A 60 -8.30 -16.10 -12.28
C ILE A 60 -8.53 -15.33 -10.99
N ALA A 61 -7.84 -15.71 -9.91
CA ALA A 61 -8.02 -15.03 -8.62
C ALA A 61 -9.50 -15.01 -8.24
N ASP A 62 -10.05 -13.87 -7.85
CA ASP A 62 -11.46 -13.75 -7.52
C ASP A 62 -12.36 -13.55 -8.73
N ASP A 63 -11.73 -13.49 -9.91
CA ASP A 63 -12.45 -13.26 -11.16
C ASP A 63 -13.26 -11.96 -11.14
N SER A 64 -12.74 -10.95 -10.46
CA SER A 64 -13.41 -9.66 -10.37
C SER A 64 -13.50 -8.90 -11.69
N TYR A 65 -12.70 -9.28 -12.69
CA TYR A 65 -12.92 -8.72 -14.02
C TYR A 65 -14.34 -9.06 -14.51
N HIS A 66 -14.78 -10.28 -14.25
CA HIS A 66 -16.13 -10.69 -14.65
C HIS A 66 -17.17 -10.44 -13.56
N LEU A 67 -16.72 -10.50 -12.30
CA LEU A 67 -17.64 -10.51 -11.15
C LEU A 67 -17.70 -9.20 -10.39
N TYR A 68 -17.30 -8.09 -11.01
CA TYR A 68 -17.29 -6.81 -10.32
C TYR A 68 -18.65 -6.44 -9.72
N LYS A 69 -19.76 -6.83 -10.35
CA LYS A 69 -21.05 -6.50 -9.75
C LYS A 69 -21.27 -7.24 -8.44
N GLU A 70 -20.71 -8.44 -8.31
CA GLU A 70 -20.77 -9.17 -7.05
C GLU A 70 -19.95 -8.47 -5.96
N ASP A 71 -18.83 -7.86 -6.34
CA ASP A 71 -18.02 -7.11 -5.39
C ASP A 71 -18.81 -5.90 -4.89
N VAL A 72 -19.49 -5.22 -5.80
CA VAL A 72 -20.31 -4.08 -5.38
C VAL A 72 -21.44 -4.55 -4.46
N LYS A 73 -22.06 -5.67 -4.80
CA LYS A 73 -23.11 -6.23 -3.94
C LYS A 73 -22.66 -6.44 -2.48
N ILE A 74 -21.50 -7.05 -2.30
CA ILE A 74 -21.00 -7.26 -0.95
C ILE A 74 -20.55 -5.97 -0.28
N LEU A 75 -20.01 -5.01 -1.04
CA LEU A 75 -19.75 -3.69 -0.48
C LEU A 75 -21.00 -3.00 0.02
N LYS A 76 -22.08 -3.13 -0.74
CA LYS A 76 -23.36 -2.57 -0.33
C LYS A 76 -23.90 -3.25 0.92
N GLU A 77 -23.80 -4.58 0.98
CA GLU A 77 -24.19 -5.34 2.17
C GLU A 77 -23.41 -4.88 3.40
N LEU A 78 -22.11 -4.69 3.20
CA LEU A 78 -21.22 -4.27 4.26
C LEU A 78 -21.57 -2.87 4.75
N GLY A 79 -22.10 -2.05 3.85
CA GLY A 79 -22.34 -0.64 4.15
C GLY A 79 -21.12 0.24 3.94
N ALA A 80 -20.20 -0.21 3.09
CA ALA A 80 -19.02 0.60 2.79
C ALA A 80 -19.41 1.94 2.19
N GLN A 81 -18.77 3.00 2.66
CA GLN A 81 -18.89 4.34 2.07
C GLN A 81 -17.90 4.56 0.93
N VAL A 82 -16.79 3.82 0.98
CA VAL A 82 -15.65 3.97 0.05
CA VAL A 82 -15.72 3.97 0.02
C VAL A 82 -15.16 2.58 -0.30
N TYR A 83 -14.82 2.39 -1.57
CA TYR A 83 -14.14 1.17 -2.01
C TYR A 83 -12.82 1.58 -2.63
N ARG A 84 -11.73 1.14 -2.01
CA ARG A 84 -10.39 1.38 -2.55
C ARG A 84 -10.01 0.17 -3.40
N PHE A 85 -9.73 0.43 -4.68
CA PHE A 85 -9.32 -0.61 -5.62
C PHE A 85 -8.19 -0.03 -6.45
N SER A 86 -7.49 -0.89 -7.18
CA SER A 86 -6.44 -0.39 -8.06
C SER A 86 -6.77 -0.66 -9.53
N ILE A 87 -6.11 0.11 -10.38
CA ILE A 87 -6.21 -0.07 -11.81
C ILE A 87 -4.98 -0.80 -12.34
N SER A 88 -5.22 -1.80 -13.18
CA SER A 88 -4.15 -2.54 -13.82
C SER A 88 -3.58 -1.77 -15.01
N TRP A 89 -2.34 -1.29 -14.86
CA TRP A 89 -1.71 -0.49 -15.90
C TRP A 89 -1.79 -1.18 -17.27
N ALA A 90 -1.42 -2.46 -17.31
CA ALA A 90 -1.37 -3.17 -18.59
C ALA A 90 -2.75 -3.56 -19.12
N ARG A 91 -3.80 -3.46 -18.31
CA ARG A 91 -5.16 -3.61 -18.84
C ARG A 91 -5.59 -2.36 -19.62
N VAL A 92 -5.10 -1.20 -19.21
CA VAL A 92 -5.42 0.09 -19.83
C VAL A 92 -4.45 0.44 -20.96
N LEU A 93 -3.15 0.29 -20.72
CA LEU A 93 -2.07 0.56 -21.67
C LEU A 93 -1.27 -0.74 -21.85
N PRO A 94 -1.71 -1.60 -22.78
CA PRO A 94 -1.11 -2.95 -22.83
C PRO A 94 0.36 -2.95 -23.14
N GLU A 95 0.87 -1.89 -23.78
CA GLU A 95 2.28 -1.78 -24.11
CA GLU A 95 2.27 -1.78 -24.14
C GLU A 95 3.04 -0.92 -23.12
N GLY A 96 2.36 -0.51 -22.04
CA GLY A 96 2.97 0.33 -21.01
C GLY A 96 3.01 1.80 -21.36
N HIS A 97 3.61 2.10 -22.50
CA HIS A 97 3.58 3.42 -23.10
C HIS A 97 2.15 3.77 -23.48
N ASP A 98 1.88 5.06 -23.69
CA ASP A 98 0.52 5.53 -23.95
C ASP A 98 0.09 5.55 -25.40
N ASN A 99 0.83 4.85 -26.27
CA ASN A 99 0.46 4.80 -27.68
C ASN A 99 -0.83 4.04 -27.96
N ILE A 100 -1.11 3.01 -27.18
CA ILE A 100 -2.33 2.22 -27.35
C ILE A 100 -3.11 2.20 -26.04
N VAL A 101 -4.37 2.64 -26.12
CA VAL A 101 -5.29 2.59 -25.00
C VAL A 101 -6.29 1.49 -25.31
N ASN A 102 -6.40 0.54 -24.39
CA ASN A 102 -7.28 -0.60 -24.55
C ASN A 102 -8.69 -0.22 -24.10
N GLN A 103 -9.59 -0.04 -25.06
CA GLN A 103 -10.95 0.35 -24.75
C GLN A 103 -11.63 -0.63 -23.78
N ASP A 104 -11.31 -1.92 -23.87
CA ASP A 104 -11.90 -2.87 -22.95
C ASP A 104 -11.56 -2.56 -21.50
N GLY A 105 -10.33 -2.14 -21.27
CA GLY A 105 -9.93 -1.75 -19.93
C GLY A 105 -10.60 -0.48 -19.46
N ILE A 106 -10.70 0.51 -20.34
CA ILE A 106 -11.44 1.73 -20.02
C ILE A 106 -12.88 1.37 -19.63
N ASP A 107 -13.51 0.54 -20.44
CA ASP A 107 -14.89 0.13 -20.23
C ASP A 107 -15.06 -0.58 -18.89
N TYR A 108 -14.12 -1.47 -18.59
CA TYR A 108 -14.18 -2.24 -17.34
C TYR A 108 -14.17 -1.34 -16.12
N TYR A 109 -13.19 -0.45 -16.04
CA TYR A 109 -13.13 0.43 -14.87
C TYR A 109 -14.27 1.43 -14.84
N ASN A 110 -14.73 1.91 -15.99
CA ASN A 110 -15.94 2.72 -15.99
C ASN A 110 -17.14 1.95 -15.46
N ASN A 111 -17.27 0.68 -15.86
CA ASN A 111 -18.37 -0.15 -15.40
C ASN A 111 -18.34 -0.31 -13.89
N LEU A 112 -17.15 -0.56 -13.33
CA LEU A 112 -17.01 -0.67 -11.89
C LEU A 112 -17.35 0.64 -11.18
N ILE A 113 -16.76 1.73 -11.66
CA ILE A 113 -17.01 3.05 -11.07
C ILE A 113 -18.50 3.39 -11.10
N ASN A 114 -19.14 3.18 -12.26
CA ASN A 114 -20.55 3.49 -12.38
C ASN A 114 -21.43 2.63 -11.49
N GLU A 115 -21.06 1.35 -11.36
CA GLU A 115 -21.80 0.43 -10.50
C GLU A 115 -21.66 0.86 -9.02
N LEU A 116 -20.46 1.25 -8.62
CA LEU A 116 -20.24 1.77 -7.26
C LEU A 116 -21.12 2.99 -6.99
N LEU A 117 -21.03 3.99 -7.88
CA LEU A 117 -21.79 5.21 -7.68
C LEU A 117 -23.29 5.00 -7.65
N ALA A 118 -23.78 4.07 -8.48
CA ALA A 118 -25.20 3.73 -8.53
C ALA A 118 -25.66 3.10 -7.21
N ASN A 119 -24.72 2.57 -6.46
CA ASN A 119 -24.99 1.93 -5.19
C ASN A 119 -24.54 2.76 -4.00
N GLY A 120 -24.22 4.03 -4.24
CA GLY A 120 -23.88 4.98 -3.20
C GLY A 120 -22.52 4.77 -2.56
N ILE A 121 -21.59 4.16 -3.30
CA ILE A 121 -20.26 3.87 -2.79
C ILE A 121 -19.25 4.70 -3.57
N GLU A 122 -18.38 5.40 -2.85
CA GLU A 122 -17.37 6.26 -3.47
C GLU A 122 -16.14 5.46 -3.91
N PRO A 123 -15.68 5.62 -5.16
CA PRO A 123 -14.44 4.99 -5.57
C PRO A 123 -13.20 5.73 -5.05
N MET A 124 -12.22 4.97 -4.59
CA MET A 124 -10.88 5.48 -4.27
C MET A 124 -9.90 4.63 -5.07
N VAL A 125 -9.14 5.27 -5.97
CA VAL A 125 -8.37 4.53 -6.95
C VAL A 125 -6.88 4.63 -6.72
N THR A 126 -6.24 3.47 -6.56
CA THR A 126 -4.80 3.36 -6.57
C THR A 126 -4.32 3.16 -8.00
N MET A 127 -3.46 4.05 -8.49
CA MET A 127 -2.98 3.94 -9.86
C MET A 127 -2.01 2.76 -10.03
N TYR A 128 -1.10 2.62 -9.06
CA TYR A 128 -0.06 1.60 -9.15
C TYR A 128 0.00 0.76 -7.87
N HIS A 129 -0.46 -0.48 -8.00
CA HIS A 129 -0.40 -1.47 -6.92
C HIS A 129 0.34 -2.71 -7.41
N TRP A 130 1.52 -2.48 -7.96
CA TRP A 130 2.63 -3.46 -8.11
C TRP A 130 2.68 -4.18 -9.45
N ASP A 131 1.69 -3.96 -10.31
CA ASP A 131 1.54 -4.70 -11.55
C ASP A 131 2.07 -3.93 -12.77
N LEU A 132 3.38 -3.71 -12.76
CA LEU A 132 4.06 -2.97 -13.83
C LEU A 132 3.96 -3.74 -15.15
N PRO A 133 3.65 -3.08 -16.27
CA PRO A 133 3.72 -3.76 -17.57
C PRO A 133 5.10 -4.34 -17.80
N GLN A 134 5.15 -5.57 -18.32
CA GLN A 134 6.42 -6.19 -18.59
C GLN A 134 7.29 -5.38 -19.56
N ALA A 135 6.66 -4.71 -20.53
CA ALA A 135 7.41 -3.91 -21.49
C ALA A 135 8.22 -2.81 -20.82
N LEU A 136 7.75 -2.31 -19.68
CA LEU A 136 8.46 -1.29 -18.94
C LEU A 136 9.51 -1.89 -18.02
N GLN A 137 9.24 -3.06 -17.44
CA GLN A 137 10.27 -3.78 -16.70
C GLN A 137 11.46 -4.14 -17.60
N ASP A 138 11.18 -4.38 -18.90
CA ASP A 138 12.25 -4.74 -19.80
C ASP A 138 13.22 -3.60 -20.08
N LEU A 139 12.85 -2.36 -19.75
CA LEU A 139 13.78 -1.23 -19.77
C LEU A 139 14.58 -1.10 -18.46
N GLY A 140 14.30 -1.98 -17.51
CA GLY A 140 14.87 -1.95 -16.18
C GLY A 140 13.83 -1.74 -15.09
N GLY A 141 12.64 -1.32 -15.44
CA GLY A 141 11.62 -1.07 -14.43
C GLY A 141 11.97 0.12 -13.56
N TRP A 142 11.53 0.07 -12.32
CA TRP A 142 11.57 1.23 -11.45
C TRP A 142 12.95 1.86 -11.26
N PRO A 143 14.06 1.09 -11.26
CA PRO A 143 15.37 1.75 -11.19
C PRO A 143 15.68 2.70 -12.34
N ASN A 144 14.95 2.59 -13.45
CA ASN A 144 15.17 3.44 -14.62
C ASN A 144 14.25 4.65 -14.55
N LEU A 145 14.84 5.84 -14.36
CA LEU A 145 14.08 7.06 -14.17
C LEU A 145 13.17 7.42 -15.32
N VAL A 146 13.35 6.85 -16.51
CA VAL A 146 12.44 7.09 -17.61
C VAL A 146 11.01 6.73 -17.24
N LEU A 147 10.83 5.81 -16.28
CA LEU A 147 9.48 5.42 -15.86
C LEU A 147 8.69 6.57 -15.21
N ALA A 148 9.36 7.62 -14.73
CA ALA A 148 8.59 8.72 -14.14
C ALA A 148 7.70 9.40 -15.18
N LYS A 149 8.23 9.67 -16.38
CA LYS A 149 7.41 10.25 -17.44
C LYS A 149 6.36 9.25 -17.91
N TYR A 150 6.72 7.97 -17.99
CA TYR A 150 5.72 6.97 -18.40
C TYR A 150 4.56 6.92 -17.41
N SER A 151 4.88 7.08 -16.13
CA SER A 151 3.88 7.11 -15.07
C SER A 151 2.96 8.32 -15.19
N GLU A 152 3.54 9.48 -15.48
CA GLU A 152 2.74 10.67 -15.76
C GLU A 152 1.75 10.40 -16.89
N ASN A 153 2.22 9.78 -17.98
CA ASN A 153 1.35 9.57 -19.13
C ASN A 153 0.22 8.60 -18.79
N TYR A 154 0.54 7.58 -18.00
CA TYR A 154 -0.46 6.64 -17.52
C TYR A 154 -1.52 7.36 -16.69
N ALA A 155 -1.05 8.18 -15.74
CA ALA A 155 -1.96 8.96 -14.90
C ALA A 155 -2.87 9.87 -15.73
N ARG A 156 -2.33 10.47 -16.80
CA ARG A 156 -3.16 11.34 -17.61
C ARG A 156 -4.35 10.58 -18.20
N VAL A 157 -4.08 9.37 -18.70
CA VAL A 157 -5.15 8.52 -19.22
C VAL A 157 -6.22 8.26 -18.14
N LEU A 158 -5.76 7.97 -16.93
CA LEU A 158 -6.67 7.71 -15.82
C LEU A 158 -7.51 8.94 -15.45
N PHE A 159 -6.85 10.09 -15.30
CA PHE A 159 -7.58 11.31 -14.97
C PHE A 159 -8.58 11.68 -16.06
N LYS A 160 -8.15 11.60 -17.31
CA LYS A 160 -9.00 11.95 -18.43
C LYS A 160 -10.25 11.08 -18.49
N ASN A 161 -10.08 9.78 -18.30
CA ASN A 161 -11.18 8.84 -18.47
C ASN A 161 -12.09 8.69 -17.26
N PHE A 162 -11.52 8.81 -16.07
CA PHE A 162 -12.21 8.44 -14.84
C PHE A 162 -12.41 9.59 -13.85
N GLY A 163 -11.65 10.68 -14.03
CA GLY A 163 -11.58 11.73 -13.02
C GLY A 163 -12.82 12.59 -12.86
N ASP A 164 -13.73 12.50 -13.82
CA ASP A 164 -15.03 13.14 -13.66
C ASP A 164 -15.87 12.48 -12.56
N ARG A 165 -15.55 11.23 -12.22
CA ARG A 165 -16.30 10.46 -11.21
C ARG A 165 -15.44 9.96 -10.06
N VAL A 166 -14.13 10.06 -10.18
CA VAL A 166 -13.23 9.65 -9.10
C VAL A 166 -12.60 10.90 -8.50
N LYS A 167 -12.76 11.06 -7.19
CA LYS A 167 -12.25 12.23 -6.46
C LYS A 167 -11.21 11.89 -5.39
N LEU A 168 -10.84 10.61 -5.29
CA LEU A 168 -9.81 10.16 -4.35
C LEU A 168 -8.86 9.26 -5.11
N TRP A 169 -7.61 9.70 -5.18
CA TRP A 169 -6.56 9.00 -5.92
C TRP A 169 -5.37 8.73 -5.01
N LEU A 170 -4.76 7.56 -5.22
CA LEU A 170 -3.45 7.24 -4.65
C LEU A 170 -2.54 6.97 -5.82
N THR A 171 -1.39 7.64 -5.90
CA THR A 171 -0.48 7.39 -7.01
C THR A 171 0.09 5.96 -6.91
N PHE A 172 0.70 5.67 -5.76
CA PHE A 172 1.40 4.42 -5.51
C PHE A 172 0.93 3.78 -4.21
N ASN A 173 1.00 2.45 -4.21
CA ASN A 173 0.82 1.66 -2.99
C ASN A 173 2.12 1.00 -2.57
N GLU A 174 2.53 1.27 -1.34
CA GLU A 174 3.66 0.59 -0.70
C GLU A 174 4.91 0.51 -1.57
N PRO A 175 5.46 1.66 -1.99
CA PRO A 175 6.77 1.58 -2.64
C PRO A 175 7.85 1.02 -1.72
N LEU A 176 7.73 1.16 -0.40
CA LEU A 176 8.67 0.49 0.50
C LEU A 176 8.71 -1.02 0.27
N THR A 177 7.53 -1.58 -0.01
CA THR A 177 7.44 -3.01 -0.32
C THR A 177 7.89 -3.30 -1.74
N PHE A 178 7.34 -2.62 -2.75
CA PHE A 178 7.65 -3.03 -4.11
C PHE A 178 9.08 -2.68 -4.53
N MET A 179 9.72 -1.72 -3.88
CA MET A 179 11.12 -1.51 -4.16
C MET A 179 11.94 -2.77 -3.84
N ASP A 180 11.47 -3.58 -2.89
CA ASP A 180 12.15 -4.79 -2.50
C ASP A 180 12.14 -5.84 -3.60
N GLY A 181 11.31 -5.65 -4.63
CA GLY A 181 11.39 -6.50 -5.81
C GLY A 181 12.70 -6.35 -6.56
N TYR A 182 13.49 -5.33 -6.22
CA TYR A 182 14.81 -5.10 -6.76
C TYR A 182 15.90 -5.42 -5.73
N ALA A 183 15.54 -6.14 -4.67
CA ALA A 183 16.49 -6.51 -3.62
C ALA A 183 16.52 -8.01 -3.30
N SER A 184 16.01 -8.85 -4.19
CA SER A 184 16.09 -10.31 -4.00
C SER A 184 15.82 -11.02 -5.31
N GLU A 185 16.58 -12.07 -5.61
CA GLU A 185 16.33 -12.87 -6.82
C GLU A 185 15.10 -13.76 -6.73
N ILE A 186 14.60 -14.01 -5.52
CA ILE A 186 13.46 -14.93 -5.35
C ILE A 186 12.19 -14.29 -4.77
N GLY A 187 12.18 -12.97 -4.66
CA GLY A 187 11.10 -12.30 -3.96
C GLY A 187 10.09 -11.65 -4.88
N MET A 188 9.50 -10.58 -4.36
CA MET A 188 8.49 -9.76 -5.06
CA MET A 188 8.44 -9.95 -5.13
C MET A 188 8.92 -9.50 -6.51
N ALA A 189 7.97 -9.48 -7.43
CA ALA A 189 8.28 -9.14 -8.81
C ALA A 189 8.94 -7.76 -8.86
N PRO A 190 9.96 -7.58 -9.72
CA PRO A 190 10.44 -8.50 -10.76
C PRO A 190 11.57 -9.43 -10.32
N SER A 191 11.78 -9.58 -9.01
CA SER A 191 12.67 -10.60 -8.47
C SER A 191 14.11 -10.40 -8.95
N ILE A 192 14.60 -9.18 -8.77
CA ILE A 192 15.95 -8.82 -9.15
CA ILE A 192 15.94 -8.76 -9.17
C ILE A 192 16.79 -8.57 -7.91
N ASN A 193 18.00 -9.12 -7.92
CA ASN A 193 18.88 -9.08 -6.77
C ASN A 193 19.88 -7.91 -6.82
N THR A 194 19.38 -6.70 -6.56
CA THR A 194 20.23 -5.51 -6.44
C THR A 194 20.01 -4.78 -5.11
N PRO A 195 20.07 -5.51 -3.99
CA PRO A 195 19.84 -4.88 -2.69
C PRO A 195 20.85 -3.73 -2.43
N GLY A 196 20.33 -2.69 -1.79
CA GLY A 196 21.12 -1.54 -1.41
C GLY A 196 21.55 -0.66 -2.57
N ILE A 197 21.07 -0.95 -3.77
CA ILE A 197 21.47 -0.21 -4.98
C ILE A 197 20.24 0.01 -5.85
N GLY A 198 19.66 -1.08 -6.38
CA GLY A 198 18.53 -0.96 -7.26
C GLY A 198 17.23 -0.61 -6.57
N ASP A 199 17.07 -1.07 -5.32
CA ASP A 199 15.90 -0.67 -4.56
C ASP A 199 15.90 0.83 -4.29
N TYR A 200 17.03 1.41 -3.93
CA TYR A 200 17.09 2.86 -3.79
C TYR A 200 16.80 3.56 -5.11
N LEU A 201 17.33 3.07 -6.23
CA LEU A 201 16.98 3.70 -7.51
C LEU A 201 15.49 3.63 -7.78
N ALA A 202 14.87 2.49 -7.48
CA ALA A 202 13.43 2.36 -7.65
C ALA A 202 12.67 3.40 -6.82
N ALA A 203 13.06 3.56 -5.56
CA ALA A 203 12.41 4.56 -4.70
C ALA A 203 12.51 5.94 -5.32
N HIS A 204 13.69 6.27 -5.83
CA HIS A 204 13.94 7.58 -6.41
C HIS A 204 13.00 7.85 -7.57
N THR A 205 12.88 6.88 -8.48
CA THR A 205 11.98 7.01 -9.59
C THR A 205 10.54 7.16 -9.16
N VAL A 206 10.12 6.36 -8.18
CA VAL A 206 8.76 6.43 -7.69
C VAL A 206 8.44 7.83 -7.14
N ILE A 207 9.35 8.38 -6.36
CA ILE A 207 9.14 9.72 -5.80
C ILE A 207 8.98 10.74 -6.92
N HIS A 208 9.87 10.69 -7.91
CA HIS A 208 9.77 11.56 -9.07
C HIS A 208 8.43 11.36 -9.79
N ALA A 209 8.03 10.11 -9.96
CA ALA A 209 6.80 9.79 -10.66
C ALA A 209 5.58 10.36 -9.93
N HIS A 210 5.54 10.11 -8.62
CA HIS A 210 4.48 10.64 -7.78
C HIS A 210 4.37 12.16 -7.95
N ALA A 211 5.50 12.84 -7.88
CA ALA A 211 5.49 14.29 -8.01
C ALA A 211 4.98 14.73 -9.39
N ARG A 212 5.43 14.06 -10.45
CA ARG A 212 4.91 14.41 -11.77
CA ARG A 212 4.92 14.40 -11.77
C ARG A 212 3.41 14.22 -11.85
N ILE A 213 2.88 13.14 -11.25
CA ILE A 213 1.46 12.89 -11.30
C ILE A 213 0.66 13.96 -10.55
N TYR A 214 1.17 14.36 -9.39
CA TYR A 214 0.51 15.41 -8.62
C TYR A 214 0.49 16.72 -9.38
N HIS A 215 1.63 17.12 -9.93
CA HIS A 215 1.68 18.34 -10.74
C HIS A 215 0.79 18.26 -11.96
N LEU A 216 0.73 17.09 -12.60
CA LEU A 216 -0.18 16.87 -13.72
C LEU A 216 -1.62 17.15 -13.32
N TYR A 217 -2.02 16.62 -12.17
CA TYR A 217 -3.37 16.84 -11.68
C TYR A 217 -3.61 18.35 -11.50
N ASP A 218 -2.69 19.01 -10.81
CA ASP A 218 -2.79 20.48 -10.66
C ASP A 218 -2.97 21.19 -12.00
N GLN A 219 -2.16 20.82 -12.98
CA GLN A 219 -2.09 21.56 -14.24
C GLN A 219 -3.23 21.26 -15.20
N GLU A 220 -3.65 20.00 -15.27
CA GLU A 220 -4.53 19.53 -16.33
C GLU A 220 -5.94 19.15 -15.87
N PHE A 221 -6.15 18.94 -14.56
CA PHE A 221 -7.40 18.33 -14.10
C PHE A 221 -8.07 18.87 -12.86
N ARG A 222 -7.32 19.40 -11.90
CA ARG A 222 -7.90 19.73 -10.60
C ARG A 222 -9.03 20.76 -10.65
N ALA A 223 -8.84 21.82 -11.45
CA ALA A 223 -9.84 22.88 -11.50
C ALA A 223 -11.20 22.31 -11.92
N GLU A 224 -11.19 21.38 -12.86
CA GLU A 224 -12.42 20.78 -13.36
C GLU A 224 -12.94 19.65 -12.47
N GLN A 225 -12.05 18.85 -11.90
CA GLN A 225 -12.46 17.61 -11.25
C GLN A 225 -12.59 17.72 -9.74
N GLY A 226 -11.79 18.57 -9.11
CA GLY A 226 -11.96 18.88 -7.69
C GLY A 226 -11.68 17.75 -6.72
N GLY A 227 -10.81 16.83 -7.11
CA GLY A 227 -10.47 15.69 -6.26
C GLY A 227 -9.19 15.90 -5.47
N LYS A 228 -8.74 14.81 -4.84
CA LYS A 228 -7.57 14.81 -3.99
C LYS A 228 -6.65 13.67 -4.39
N VAL A 229 -5.36 13.96 -4.37
CA VAL A 229 -4.32 13.01 -4.73
C VAL A 229 -3.37 12.80 -3.54
N GLY A 230 -3.22 11.53 -3.14
CA GLY A 230 -2.29 11.14 -2.12
C GLY A 230 -1.43 9.98 -2.59
N ILE A 231 -0.85 9.30 -1.62
CA ILE A 231 0.04 8.15 -1.83
C ILE A 231 -0.12 7.23 -0.61
N SER A 232 -0.07 5.91 -0.80
CA SER A 232 -0.23 4.96 0.30
C SER A 232 1.12 4.40 0.70
N LEU A 233 1.53 4.73 1.92
CA LEU A 233 2.80 4.30 2.48
C LEU A 233 2.55 3.35 3.66
N ASN A 234 3.20 2.20 3.61
CA ASN A 234 3.20 1.27 4.73
C ASN A 234 4.26 1.62 5.74
N ILE A 235 3.97 1.33 6.99
CA ILE A 235 4.93 1.53 8.06
C ILE A 235 4.53 0.67 9.25
N ASN A 236 5.52 -0.04 9.80
CA ASN A 236 5.36 -0.73 11.08
C ASN A 236 5.77 0.20 12.22
N TRP A 237 5.08 0.10 13.36
CA TRP A 237 5.59 0.72 14.56
C TRP A 237 6.89 0.00 14.97
N CYS A 238 7.85 0.75 15.49
CA CYS A 238 9.10 0.17 15.98
C CYS A 238 9.27 0.62 17.42
N GLU A 239 9.07 -0.33 18.33
CA GLU A 239 9.09 -0.05 19.76
C GLU A 239 10.49 -0.30 20.31
N PRO A 240 11.02 0.63 21.12
CA PRO A 240 12.37 0.39 21.66
C PRO A 240 12.39 -0.88 22.50
N ALA A 241 13.39 -1.73 22.26
CA ALA A 241 13.48 -2.99 22.99
C ALA A 241 13.66 -2.77 24.48
N THR A 242 14.43 -1.74 24.82
CA THR A 242 14.54 -1.21 26.18
C THR A 242 14.32 0.31 26.11
N ASN A 243 14.11 0.95 27.26
CA ASN A 243 13.89 2.40 27.27
C ASN A 243 15.12 3.29 27.06
N SER A 244 16.23 2.72 26.63
CA SER A 244 17.46 3.49 26.52
C SER A 244 17.40 4.50 25.37
N ALA A 245 18.16 5.57 25.52
CA ALA A 245 18.31 6.53 24.44
C ALA A 245 18.82 5.86 23.17
N GLU A 246 19.73 4.91 23.30
CA GLU A 246 20.31 4.20 22.16
C GLU A 246 19.25 3.39 21.42
N ASP A 247 18.36 2.72 22.14
CA ASP A 247 17.33 1.96 21.47
C ASP A 247 16.29 2.91 20.85
N ARG A 248 15.99 4.01 21.52
CA ARG A 248 15.13 5.02 20.92
C ARG A 248 15.71 5.54 19.60
N ALA A 249 17.02 5.77 19.57
CA ALA A 249 17.65 6.24 18.33
C ALA A 249 17.43 5.24 17.20
N SER A 250 17.54 3.96 17.52
CA SER A 250 17.40 2.92 16.50
C SER A 250 15.99 2.89 15.94
N CYS A 251 15.01 3.18 16.79
CA CYS A 251 13.61 3.20 16.34
C CYS A 251 13.32 4.42 15.47
N GLU A 252 13.94 5.56 15.79
CA GLU A 252 13.84 6.71 14.91
CA GLU A 252 13.87 6.72 14.91
C GLU A 252 14.50 6.42 13.55
N ASN A 253 15.65 5.75 13.58
CA ASN A 253 16.25 5.30 12.32
C ASN A 253 15.25 4.48 11.52
N TYR A 254 14.58 3.54 12.18
CA TYR A 254 13.60 2.70 11.50
C TYR A 254 12.53 3.56 10.84
N GLN A 255 11.93 4.48 11.59
CA GLN A 255 10.88 5.30 11.00
C GLN A 255 11.40 6.03 9.77
N GLN A 256 12.60 6.60 9.87
CA GLN A 256 13.12 7.39 8.76
C GLN A 256 13.49 6.54 7.54
N PHE A 257 14.00 5.33 7.78
CA PHE A 257 14.40 4.45 6.70
C PHE A 257 13.25 3.69 6.04
N ASN A 258 12.05 3.76 6.61
CA ASN A 258 10.90 3.00 6.12
C ASN A 258 9.80 3.95 5.67
N LEU A 259 9.33 4.81 6.57
CA LEU A 259 8.34 5.83 6.21
C LEU A 259 9.02 7.09 5.66
N GLY A 260 10.04 7.59 6.35
CA GLY A 260 10.67 8.85 5.96
C GLY A 260 11.29 8.85 4.58
N LEU A 261 11.76 7.69 4.13
CA LEU A 261 12.32 7.52 2.79
C LEU A 261 11.40 8.15 1.73
N TYR A 262 10.10 7.92 1.86
CA TYR A 262 9.09 8.46 0.96
C TYR A 262 8.42 9.71 1.50
N ALA A 263 8.15 9.76 2.80
CA ALA A 263 7.36 10.86 3.33
C ALA A 263 8.18 12.11 3.58
N HIS A 264 9.48 12.02 3.86
CA HIS A 264 10.23 13.25 4.08
C HIS A 264 10.30 14.08 2.78
N PRO A 265 10.54 13.45 1.61
CA PRO A 265 10.58 14.28 0.39
C PRO A 265 9.26 14.97 0.07
N ILE A 266 8.15 14.33 0.42
CA ILE A 266 6.84 14.79 -0.01
C ILE A 266 6.13 15.66 1.04
N PHE A 267 6.13 15.21 2.30
CA PHE A 267 5.23 15.73 3.33
C PHE A 267 5.85 16.72 4.29
N THR A 268 7.15 16.98 4.19
CA THR A 268 7.78 17.99 5.02
C THR A 268 7.93 19.30 4.27
N GLU A 269 8.14 20.39 5.01
CA GLU A 269 8.42 21.68 4.40
C GLU A 269 9.80 21.69 3.75
N GLU A 270 10.75 20.94 4.33
CA GLU A 270 12.11 20.92 3.84
C GLU A 270 12.27 20.07 2.59
N GLY A 271 11.50 18.98 2.54
CA GLY A 271 11.72 18.02 1.46
C GLY A 271 13.03 17.28 1.57
N ASP A 272 13.39 16.62 0.47
CA ASP A 272 14.58 15.77 0.38
C ASP A 272 14.38 14.51 1.23
N TYR A 273 15.33 13.58 1.08
CA TYR A 273 15.39 12.43 1.96
C TYR A 273 15.72 12.87 3.39
N PRO A 274 15.36 12.06 4.39
CA PRO A 274 15.81 12.34 5.77
C PRO A 274 17.33 12.41 5.84
N ALA A 275 17.84 13.32 6.67
CA ALA A 275 19.27 13.44 6.82
C ALA A 275 19.92 12.12 7.24
N VAL A 276 19.30 11.38 8.15
CA VAL A 276 19.92 10.14 8.63
C VAL A 276 20.06 9.12 7.49
N LEU A 277 19.13 9.13 6.55
CA LEU A 277 19.19 8.23 5.41
CA LEU A 277 19.20 8.22 5.40
C LEU A 277 20.37 8.62 4.53
N LYS A 278 20.44 9.90 4.16
CA LYS A 278 21.55 10.37 3.35
C LYS A 278 22.89 10.08 4.01
N ASP A 279 23.00 10.41 5.30
CA ASP A 279 24.28 10.35 5.99
C ASP A 279 24.73 8.90 6.20
N ARG A 280 23.83 8.02 6.64
CA ARG A 280 24.24 6.64 6.90
C ARG A 280 24.64 5.95 5.60
N VAL A 281 23.90 6.17 4.52
CA VAL A 281 24.25 5.52 3.26
C VAL A 281 25.54 6.09 2.71
N SER A 282 25.74 7.41 2.81
CA SER A 282 26.98 8.00 2.32
C SER A 282 28.19 7.41 3.06
N ARG A 283 28.11 7.32 4.38
CA ARG A 283 29.21 6.80 5.18
C ARG A 283 29.46 5.33 4.81
N ASN A 284 28.39 4.54 4.76
CA ASN A 284 28.58 3.12 4.46
C ASN A 284 29.16 2.92 3.06
N SER A 285 28.71 3.72 2.11
CA SER A 285 29.21 3.60 0.75
C SER A 285 30.70 3.93 0.68
N ALA A 286 31.11 5.00 1.37
CA ALA A 286 32.51 5.38 1.41
C ALA A 286 33.34 4.27 2.05
N ASP A 287 32.85 3.73 3.17
CA ASP A 287 33.59 2.73 3.89
C ASP A 287 33.80 1.47 3.07
N GLU A 288 32.88 1.17 2.16
CA GLU A 288 33.00 0.00 1.31
C GLU A 288 33.69 0.26 0.00
N GLY A 289 34.16 1.48 -0.21
CA GLY A 289 35.01 1.78 -1.34
C GLY A 289 34.32 2.33 -2.57
N TYR A 290 33.02 2.56 -2.53
CA TYR A 290 32.35 3.19 -3.67
C TYR A 290 32.83 4.63 -3.82
N THR A 291 33.07 5.05 -5.06
CA THR A 291 33.28 6.47 -5.33
C THR A 291 32.06 7.30 -5.01
N ASP A 292 30.88 6.79 -5.35
CA ASP A 292 29.62 7.49 -5.19
C ASP A 292 28.73 6.80 -4.17
N SER A 293 27.99 7.60 -3.41
CA SER A 293 27.01 7.02 -2.51
C SER A 293 26.03 6.17 -3.30
N ARG A 294 25.61 5.06 -2.67
CA ARG A 294 24.55 4.24 -3.22
C ARG A 294 23.18 4.91 -3.19
N LEU A 295 23.01 5.99 -2.43
CA LEU A 295 21.73 6.68 -2.38
C LEU A 295 21.71 7.75 -3.46
N PRO A 296 20.74 7.70 -4.39
CA PRO A 296 20.63 8.76 -5.38
C PRO A 296 20.33 10.10 -4.73
N GLN A 297 20.65 11.17 -5.45
CA GLN A 297 20.46 12.53 -4.96
C GLN A 297 19.39 13.28 -5.73
N PHE A 298 18.69 14.16 -5.01
CA PHE A 298 17.82 15.16 -5.63
C PHE A 298 18.57 16.47 -5.73
N THR A 299 18.41 17.16 -6.85
CA THR A 299 18.90 18.55 -6.93
C THR A 299 17.98 19.45 -6.09
N ALA A 300 18.40 20.67 -5.81
CA ALA A 300 17.54 21.61 -5.10
C ALA A 300 16.24 21.85 -5.85
N GLU A 301 16.31 21.97 -7.17
CA GLU A 301 15.10 22.19 -7.95
C GLU A 301 14.15 20.99 -7.80
N GLU A 302 14.69 19.78 -7.82
CA GLU A 302 13.87 18.59 -7.63
C GLU A 302 13.25 18.56 -6.24
N VAL A 303 14.04 18.91 -5.22
CA VAL A 303 13.52 18.94 -3.86
C VAL A 303 12.29 19.84 -3.78
N GLU A 304 12.40 21.04 -4.36
CA GLU A 304 11.27 21.96 -4.36
C GLU A 304 10.07 21.44 -5.16
N TYR A 305 10.33 20.80 -6.28
CA TYR A 305 9.25 20.23 -7.11
C TYR A 305 8.47 19.15 -6.36
N ILE A 306 9.20 18.31 -5.64
CA ILE A 306 8.62 17.14 -4.98
C ILE A 306 7.90 17.50 -3.68
N ARG A 307 8.47 18.40 -2.88
CA ARG A 307 7.85 18.70 -1.60
C ARG A 307 6.51 19.38 -1.82
N GLY A 308 5.53 18.99 -1.01
CA GLY A 308 4.21 19.56 -1.08
C GLY A 308 3.26 18.88 -2.04
N THR A 309 3.68 17.79 -2.67
CA THR A 309 2.85 17.10 -3.66
C THR A 309 1.87 16.12 -2.98
N HIS A 310 0.95 16.68 -2.21
CA HIS A 310 0.00 15.83 -1.49
C HIS A 310 -1.24 16.60 -1.08
N ASP A 311 -2.37 15.89 -1.11
CA ASP A 311 -3.61 16.37 -0.53
C ASP A 311 -4.00 15.60 0.74
N PHE A 312 -3.38 14.43 0.94
CA PHE A 312 -3.53 13.65 2.16
C PHE A 312 -2.42 12.58 2.12
N LEU A 313 -2.25 11.92 3.25
CA LEU A 313 -1.32 10.83 3.42
C LEU A 313 -2.10 9.53 3.60
N GLY A 314 -1.89 8.55 2.73
CA GLY A 314 -2.43 7.21 2.91
C GLY A 314 -1.46 6.39 3.72
N ILE A 315 -1.98 5.67 4.72
CA ILE A 315 -1.17 4.80 5.55
C ILE A 315 -1.73 3.38 5.53
N ASN A 316 -0.82 2.43 5.31
CA ASN A 316 -1.09 1.01 5.50
C ASN A 316 -0.41 0.58 6.78
N PHE A 317 -1.20 0.16 7.76
CA PHE A 317 -0.69 -0.24 9.06
C PHE A 317 -1.14 -1.64 9.40
N TYR A 318 -0.19 -2.48 9.82
CA TYR A 318 -0.47 -3.87 10.19
C TYR A 318 0.11 -4.32 11.52
N THR A 319 1.31 -3.89 11.87
CA THR A 319 2.03 -4.56 12.94
C THR A 319 3.14 -3.68 13.50
N ALA A 320 3.85 -4.25 14.47
CA ALA A 320 4.98 -3.61 15.12
C ALA A 320 6.16 -4.56 15.17
N LEU A 321 7.33 -3.96 15.36
CA LEU A 321 8.59 -4.63 15.64
C LEU A 321 9.18 -4.02 16.89
N LEU A 322 10.13 -4.73 17.48
CA LEU A 322 11.03 -4.18 18.49
C LEU A 322 12.32 -3.78 17.81
N GLY A 323 12.87 -2.64 18.21
CA GLY A 323 14.15 -2.16 17.68
C GLY A 323 15.16 -1.94 18.77
N LYS A 324 16.38 -2.38 18.52
CA LYS A 324 17.49 -2.08 19.42
C LYS A 324 18.67 -1.54 18.63
N SER A 325 19.52 -0.84 19.36
CA SER A 325 20.73 -0.27 18.79
C SER A 325 21.64 -1.34 18.20
N GLY A 326 22.14 -1.08 17.01
CA GLY A 326 23.07 -1.97 16.35
C GLY A 326 22.82 -1.98 14.86
N VAL A 327 23.57 -2.84 14.18
CA VAL A 327 23.52 -2.96 12.74
C VAL A 327 23.50 -4.44 12.40
N GLU A 328 22.59 -4.85 11.52
CA GLU A 328 22.69 -6.21 10.99
C GLU A 328 22.10 -6.22 9.58
N GLY A 329 22.26 -7.37 8.94
CA GLY A 329 21.89 -7.51 7.54
C GLY A 329 23.08 -7.57 6.62
N TYR A 330 22.80 -7.87 5.36
CA TYR A 330 23.87 -8.01 4.38
C TYR A 330 24.36 -6.67 3.85
N GLU A 331 25.64 -6.63 3.48
CA GLU A 331 26.23 -5.46 2.85
C GLU A 331 26.25 -5.67 1.35
N PRO A 332 25.61 -4.79 0.55
CA PRO A 332 24.81 -3.64 0.94
C PRO A 332 23.33 -4.01 1.04
N SER A 333 22.60 -3.30 1.90
CA SER A 333 21.15 -3.47 1.95
C SER A 333 20.55 -2.30 2.71
N ARG A 334 19.27 -2.04 2.45
CA ARG A 334 18.56 -0.99 3.17
CA ARG A 334 18.57 -1.01 3.19
C ARG A 334 18.48 -1.34 4.67
N TYR A 335 18.21 -2.60 5.00
CA TYR A 335 18.16 -2.97 6.41
C TYR A 335 19.48 -2.70 7.11
N ARG A 336 20.59 -3.12 6.51
CA ARG A 336 21.88 -2.86 7.13
C ARG A 336 22.14 -1.37 7.26
N ASP A 337 21.84 -0.61 6.20
CA ASP A 337 22.03 0.83 6.24
C ASP A 337 21.21 1.50 7.35
N SER A 338 20.06 0.93 7.68
CA SER A 338 19.12 1.58 8.60
C SER A 338 19.59 1.60 10.06
N GLY A 339 20.54 0.75 10.45
CA GLY A 339 21.09 0.89 11.80
C GLY A 339 20.09 0.62 12.92
N VAL A 340 19.39 -0.51 12.79
CA VAL A 340 18.53 -1.02 13.83
C VAL A 340 18.52 -2.54 13.76
N ILE A 341 18.44 -3.20 14.91
CA ILE A 341 18.26 -4.64 14.97
C ILE A 341 16.80 -4.90 15.35
N LEU A 342 16.09 -5.59 14.46
CA LEU A 342 14.65 -5.76 14.57
C LEU A 342 14.29 -7.16 15.02
N THR A 343 13.35 -7.24 15.96
CA THR A 343 12.82 -8.51 16.43
C THR A 343 11.31 -8.35 16.67
N GLN A 344 10.67 -9.46 17.04
CA GLN A 344 9.29 -9.44 17.48
CA GLN A 344 9.30 -9.53 17.47
C GLN A 344 9.23 -10.02 18.90
N ASP A 345 8.28 -9.54 19.69
CA ASP A 345 8.07 -10.08 21.04
C ASP A 345 7.26 -11.37 20.94
N ALA A 346 7.77 -12.41 21.59
CA ALA A 346 7.13 -13.72 21.58
C ALA A 346 5.73 -13.69 22.17
N ALA A 347 5.44 -12.70 23.00
CA ALA A 347 4.14 -12.62 23.68
C ALA A 347 3.03 -12.08 22.78
N TRP A 348 3.39 -11.41 21.68
CA TRP A 348 2.38 -10.81 20.83
C TRP A 348 1.57 -11.90 20.10
N PRO A 349 0.25 -11.74 20.02
CA PRO A 349 -0.54 -12.73 19.30
C PRO A 349 -0.10 -12.85 17.85
N ILE A 350 -0.21 -14.06 17.31
CA ILE A 350 0.22 -14.35 15.96
C ILE A 350 -0.93 -14.28 14.96
N SER A 351 -0.57 -14.39 13.69
CA SER A 351 -1.50 -14.48 12.59
C SER A 351 -1.11 -15.69 11.75
N ALA A 352 -1.58 -15.76 10.51
CA ALA A 352 -1.11 -16.75 9.55
C ALA A 352 0.06 -16.25 8.72
N SER A 353 0.57 -15.06 9.05
CA SER A 353 1.68 -14.45 8.31
C SER A 353 2.84 -14.22 9.27
N SER A 354 4.01 -14.73 8.94
CA SER A 354 5.18 -14.69 9.83
C SER A 354 5.50 -13.28 10.31
N TRP A 355 5.28 -12.32 9.43
CA TRP A 355 5.66 -10.94 9.67
C TRP A 355 4.64 -10.16 10.50
N LEU A 356 3.43 -10.70 10.65
CA LEU A 356 2.29 -9.95 11.16
C LEU A 356 1.94 -10.48 12.56
N LYS A 357 2.24 -9.67 13.57
CA LYS A 357 1.82 -9.90 14.95
C LYS A 357 0.82 -8.82 15.34
N VAL A 358 -0.03 -9.15 16.32
CA VAL A 358 -1.11 -8.26 16.71
C VAL A 358 -0.62 -7.33 17.82
N VAL A 359 -0.45 -6.05 17.48
CA VAL A 359 0.12 -5.07 18.41
C VAL A 359 -0.68 -3.77 18.29
N PRO A 360 -1.93 -3.76 18.77
CA PRO A 360 -2.81 -2.65 18.36
C PRO A 360 -2.37 -1.29 18.87
N TRP A 361 -1.78 -1.24 20.07
CA TRP A 361 -1.27 0.02 20.59
C TRP A 361 -0.17 0.61 19.71
N GLY A 362 0.51 -0.21 18.91
CA GLY A 362 1.45 0.31 17.95
C GLY A 362 0.82 1.22 16.91
N PHE A 363 -0.44 0.98 16.58
CA PHE A 363 -1.13 1.81 15.62
C PHE A 363 -1.26 3.24 16.14
N ARG A 364 -1.67 3.37 17.41
CA ARG A 364 -1.77 4.68 18.03
C ARG A 364 -0.40 5.36 18.10
N LYS A 365 0.63 4.61 18.50
CA LYS A 365 1.98 5.19 18.52
C LYS A 365 2.41 5.70 17.16
N GLU A 366 2.15 4.91 16.12
CA GLU A 366 2.54 5.31 14.78
C GLU A 366 1.79 6.57 14.33
N LEU A 367 0.48 6.62 14.59
CA LEU A 367 -0.29 7.79 14.21
C LEU A 367 0.23 9.05 14.89
N ASN A 368 0.63 8.94 16.15
CA ASN A 368 1.25 10.08 16.83
C ASN A 368 2.59 10.47 16.23
N TRP A 369 3.40 9.47 15.86
CA TRP A 369 4.70 9.75 15.26
C TRP A 369 4.51 10.56 13.98
N ILE A 370 3.56 10.13 13.16
CA ILE A 370 3.21 10.79 11.90
C ILE A 370 2.70 12.21 12.15
N LYS A 371 1.81 12.36 13.12
CA LYS A 371 1.28 13.68 13.46
C LYS A 371 2.42 14.65 13.77
N ASN A 372 3.35 14.20 14.59
CA ASN A 372 4.45 15.04 15.03
C ASN A 372 5.47 15.33 13.93
N GLU A 373 5.76 14.34 13.10
CA GLU A 373 6.78 14.48 12.08
C GLU A 373 6.31 15.34 10.90
N TYR A 374 5.05 15.18 10.52
CA TYR A 374 4.53 15.77 9.29
C TYR A 374 3.48 16.85 9.54
N ASN A 375 3.39 17.34 10.77
CA ASN A 375 2.48 18.43 11.12
C ASN A 375 1.01 18.07 10.87
N ASN A 376 0.64 16.90 11.38
CA ASN A 376 -0.75 16.46 11.39
C ASN A 376 -1.43 16.53 10.04
N PRO A 377 -0.85 15.87 9.02
CA PRO A 377 -1.53 15.80 7.73
C PRO A 377 -2.84 15.02 7.85
N PRO A 378 -3.81 15.27 6.95
CA PRO A 378 -4.95 14.37 6.87
C PRO A 378 -4.44 12.97 6.51
N VAL A 379 -4.84 11.98 7.30
CA VAL A 379 -4.38 10.61 7.12
C VAL A 379 -5.58 9.74 6.82
N PHE A 380 -5.48 9.01 5.71
CA PHE A 380 -6.50 8.03 5.33
C PHE A 380 -5.85 6.66 5.52
N ILE A 381 -6.41 5.81 6.38
CA ILE A 381 -5.88 4.46 6.57
C ILE A 381 -6.35 3.63 5.39
N THR A 382 -5.46 3.40 4.44
CA THR A 382 -5.82 2.71 3.22
C THR A 382 -5.76 1.19 3.32
N GLU A 383 -5.08 0.66 4.35
CA GLU A 383 -5.11 -0.76 4.67
C GLU A 383 -4.88 -0.99 6.15
N ASN A 384 -5.57 -2.00 6.66
CA ASN A 384 -5.35 -2.57 8.00
C ASN A 384 -6.13 -3.89 7.99
N GLY A 385 -5.50 -4.97 8.46
CA GLY A 385 -6.17 -6.27 8.42
C GLY A 385 -5.29 -7.39 8.95
N PHE A 386 -5.81 -8.61 8.84
CA PHE A 386 -5.29 -9.73 9.62
C PHE A 386 -5.46 -11.01 8.82
N SER A 387 -4.47 -11.91 8.93
CA SER A 387 -4.55 -13.17 8.22
C SER A 387 -4.84 -14.36 9.11
N ASP A 388 -5.58 -15.30 8.52
CA ASP A 388 -5.75 -16.65 9.06
C ASP A 388 -5.65 -17.61 7.88
N TYR A 389 -5.80 -18.91 8.16
CA TYR A 389 -5.69 -19.92 7.11
C TYR A 389 -7.03 -20.31 6.51
N GLY A 390 -8.12 -19.77 7.05
CA GLY A 390 -9.45 -20.13 6.59
C GLY A 390 -10.44 -20.04 7.72
N GLY A 391 -11.72 -20.21 7.40
CA GLY A 391 -12.78 -20.23 8.40
C GLY A 391 -13.62 -18.97 8.40
N LEU A 392 -14.90 -19.16 8.70
CA LEU A 392 -15.86 -18.08 8.76
C LEU A 392 -16.00 -17.51 10.16
N ASN A 393 -15.71 -18.31 11.18
CA ASN A 393 -15.83 -17.81 12.54
C ASN A 393 -14.50 -17.21 12.96
N ASP A 394 -14.20 -16.07 12.34
CA ASP A 394 -12.85 -15.51 12.38
C ASP A 394 -12.64 -14.58 13.57
N THR A 395 -12.67 -15.16 14.75
CA THR A 395 -12.58 -14.40 16.00
C THR A 395 -11.29 -13.59 16.09
N GLY A 396 -10.19 -14.13 15.59
CA GLY A 396 -8.92 -13.40 15.60
C GLY A 396 -9.02 -12.13 14.77
N ARG A 397 -9.64 -12.22 13.59
CA ARG A 397 -9.84 -11.06 12.75
C ARG A 397 -10.78 -10.04 13.37
N VAL A 398 -11.87 -10.52 13.97
CA VAL A 398 -12.79 -9.62 14.67
C VAL A 398 -12.05 -8.83 15.75
N HIS A 399 -11.26 -9.52 16.57
CA HIS A 399 -10.48 -8.90 17.63
C HIS A 399 -9.48 -7.91 17.06
N TYR A 400 -8.81 -8.31 15.98
CA TYR A 400 -7.84 -7.43 15.35
C TYR A 400 -8.51 -6.11 14.95
N TYR A 401 -9.64 -6.20 14.25
CA TYR A 401 -10.31 -4.99 13.79
C TYR A 401 -10.83 -4.14 14.94
N THR A 402 -11.50 -4.75 15.91
CA THR A 402 -12.07 -3.95 16.97
C THR A 402 -10.98 -3.26 17.79
N GLU A 403 -9.87 -3.96 18.07
CA GLU A 403 -8.78 -3.32 18.80
C GLU A 403 -8.12 -2.21 17.98
N HIS A 404 -7.83 -2.45 16.69
CA HIS A 404 -7.19 -1.40 15.90
C HIS A 404 -8.09 -0.19 15.72
N LEU A 405 -9.38 -0.41 15.51
CA LEU A 405 -10.29 0.72 15.39
C LEU A 405 -10.38 1.49 16.71
N LYS A 406 -10.42 0.80 17.84
CA LYS A 406 -10.38 1.49 19.14
C LYS A 406 -9.13 2.35 19.29
N GLU A 407 -7.97 1.82 18.92
CA GLU A 407 -6.72 2.56 19.02
C GLU A 407 -6.72 3.77 18.09
N MET A 408 -7.23 3.61 16.88
CA MET A 408 -7.36 4.72 15.95
C MET A 408 -8.28 5.81 16.50
N LEU A 409 -9.39 5.40 17.09
CA LEU A 409 -10.33 6.36 17.67
C LEU A 409 -9.71 7.11 18.85
N LYS A 410 -8.87 6.45 19.64
CA LYS A 410 -8.13 7.18 20.67
C LYS A 410 -7.18 8.19 20.04
N ALA A 411 -6.50 7.80 18.97
CA ALA A 411 -5.61 8.73 18.28
C ALA A 411 -6.38 9.96 17.81
N ILE A 412 -7.58 9.75 17.27
CA ILE A 412 -8.40 10.86 16.80
C ILE A 412 -8.86 11.74 17.96
N HIS A 413 -9.53 11.12 18.93
CA HIS A 413 -10.26 11.88 19.95
C HIS A 413 -9.39 12.33 21.10
N GLU A 414 -8.49 11.47 21.55
CA GLU A 414 -7.60 11.80 22.65
C GLU A 414 -6.35 12.54 22.20
N ASP A 415 -5.83 12.20 21.03
CA ASP A 415 -4.52 12.70 20.61
C ASP A 415 -4.59 13.75 19.50
N GLY A 416 -5.77 13.99 18.95
CA GLY A 416 -5.94 15.02 17.93
C GLY A 416 -5.33 14.70 16.57
N VAL A 417 -5.19 13.43 16.24
CA VAL A 417 -4.66 13.05 14.93
C VAL A 417 -5.77 13.16 13.88
N ASN A 418 -5.48 13.82 12.77
CA ASN A 418 -6.49 14.05 11.73
C ASN A 418 -6.65 12.85 10.80
N VAL A 419 -7.19 11.77 11.34
CA VAL A 419 -7.51 10.60 10.52
C VAL A 419 -8.88 10.83 9.87
N ILE A 420 -8.95 10.67 8.56
CA ILE A 420 -10.13 11.02 7.78
C ILE A 420 -10.89 9.83 7.16
N GLY A 421 -10.27 8.66 7.18
CA GLY A 421 -10.93 7.50 6.60
C GLY A 421 -10.18 6.23 6.91
N TYR A 422 -10.81 5.10 6.60
CA TYR A 422 -10.27 3.78 6.89
C TYR A 422 -10.90 2.76 5.95
N THR A 423 -10.07 2.06 5.19
CA THR A 423 -10.51 0.92 4.38
C THR A 423 -9.80 -0.34 4.86
N ALA A 424 -10.60 -1.31 5.29
CA ALA A 424 -10.11 -2.62 5.70
C ALA A 424 -9.46 -3.37 4.55
N TRP A 425 -8.30 -3.97 4.82
CA TRP A 425 -7.71 -4.95 3.90
C TRP A 425 -8.10 -6.34 4.38
N SER A 426 -8.87 -7.15 3.64
CA SER A 426 -9.40 -6.88 2.31
C SER A 426 -10.88 -7.18 2.28
N LEU A 427 -11.57 -6.61 1.31
CA LEU A 427 -12.96 -6.98 1.07
C LEU A 427 -13.14 -8.49 1.02
N MET A 428 -12.24 -9.20 0.33
CA MET A 428 -12.38 -10.63 0.15
CA MET A 428 -12.37 -10.64 0.22
C MET A 428 -11.02 -11.33 0.12
N ASP A 429 -11.02 -12.61 0.46
CA ASP A 429 -9.80 -13.40 0.30
C ASP A 429 -9.34 -13.28 -1.15
N ASN A 430 -8.04 -13.22 -1.35
CA ASN A 430 -7.52 -12.93 -2.69
C ASN A 430 -6.12 -13.53 -2.85
N PHE A 431 -5.47 -13.26 -3.97
CA PHE A 431 -4.12 -13.76 -4.21
C PHE A 431 -3.13 -12.92 -3.40
N GLU A 432 -2.58 -13.52 -2.35
CA GLU A 432 -1.66 -12.85 -1.42
C GLU A 432 -0.22 -12.99 -1.89
N TRP A 433 0.02 -12.52 -3.12
CA TRP A 433 1.37 -12.39 -3.66
C TRP A 433 2.14 -13.72 -3.51
N LEU A 434 3.34 -13.69 -2.94
CA LEU A 434 4.14 -14.92 -2.86
C LEU A 434 3.54 -15.99 -1.97
N ARG A 435 2.53 -15.62 -1.19
CA ARG A 435 1.84 -16.59 -0.35
C ARG A 435 0.67 -17.26 -1.08
N GLY A 436 0.42 -16.89 -2.33
CA GLY A 436 -0.67 -17.51 -3.07
C GLY A 436 -1.99 -17.33 -2.35
N TYR A 437 -2.79 -18.39 -2.36
CA TYR A 437 -4.10 -18.36 -1.72
C TYR A 437 -4.03 -18.96 -0.30
N SER A 438 -2.83 -19.13 0.22
CA SER A 438 -2.66 -19.83 1.50
C SER A 438 -2.97 -18.97 2.72
N GLU A 439 -2.80 -17.66 2.59
CA GLU A 439 -3.08 -16.72 3.67
C GLU A 439 -4.32 -15.94 3.28
N LYS A 440 -5.25 -15.88 4.21
CA LYS A 440 -6.55 -15.28 3.99
C LYS A 440 -6.62 -13.97 4.74
N PHE A 441 -6.88 -12.88 4.03
CA PHE A 441 -7.05 -11.56 4.63
C PHE A 441 -8.48 -11.01 4.48
N GLY A 442 -9.37 -11.74 3.82
CA GLY A 442 -10.68 -11.19 3.57
C GLY A 442 -11.59 -11.09 4.78
N ILE A 443 -12.54 -10.18 4.68
CA ILE A 443 -13.70 -10.19 5.55
C ILE A 443 -14.85 -11.00 4.92
N TYR A 444 -14.78 -11.21 3.60
CA TYR A 444 -15.57 -12.23 2.88
C TYR A 444 -14.64 -13.36 2.44
N ALA A 445 -15.10 -14.58 2.63
CA ALA A 445 -14.42 -15.76 2.14
C ALA A 445 -14.74 -16.01 0.68
N VAL A 446 -13.77 -16.56 -0.04
CA VAL A 446 -13.97 -16.95 -1.43
C VAL A 446 -13.50 -18.38 -1.63
N ASP A 447 -14.33 -19.18 -2.28
CA ASP A 447 -13.99 -20.56 -2.59
C ASP A 447 -13.25 -20.60 -3.93
N PHE A 448 -11.93 -20.77 -3.87
CA PHE A 448 -11.08 -20.76 -5.05
C PHE A 448 -11.11 -22.07 -5.84
N GLU A 449 -11.86 -23.04 -5.34
CA GLU A 449 -12.08 -24.28 -6.07
C GLU A 449 -13.44 -24.29 -6.77
N ASP A 450 -14.22 -23.23 -6.59
CA ASP A 450 -15.53 -23.09 -7.22
C ASP A 450 -15.38 -22.07 -8.35
N PRO A 451 -15.61 -22.47 -9.62
CA PRO A 451 -15.43 -21.54 -10.73
C PRO A 451 -16.23 -20.24 -10.62
N ALA A 452 -17.34 -20.28 -9.88
CA ALA A 452 -18.19 -19.11 -9.66
C ALA A 452 -17.64 -18.14 -8.62
N ARG A 453 -16.61 -18.57 -7.89
CA ARG A 453 -15.95 -17.74 -6.87
C ARG A 453 -16.94 -17.00 -5.96
N PRO A 454 -17.84 -17.75 -5.30
CA PRO A 454 -18.79 -17.08 -4.43
C PRO A 454 -18.09 -16.37 -3.27
N ARG A 455 -18.58 -15.18 -2.93
CA ARG A 455 -18.12 -14.43 -1.77
C ARG A 455 -19.12 -14.61 -0.64
N ILE A 456 -18.66 -15.03 0.53
CA ILE A 456 -19.55 -15.27 1.65
C ILE A 456 -19.04 -14.57 2.91
N PRO A 457 -19.94 -13.93 3.68
CA PRO A 457 -19.46 -13.13 4.79
C PRO A 457 -18.90 -13.96 5.94
N LYS A 458 -17.76 -13.54 6.46
CA LYS A 458 -17.24 -14.05 7.73
C LYS A 458 -17.84 -13.26 8.88
N GLU A 459 -17.61 -13.72 10.11
CA GLU A 459 -18.04 -12.93 11.27
C GLU A 459 -17.47 -11.51 11.23
N SER A 460 -16.22 -11.36 10.79
CA SER A 460 -15.64 -10.02 10.71
C SER A 460 -16.44 -9.11 9.77
N ALA A 461 -16.97 -9.62 8.66
CA ALA A 461 -17.80 -8.80 7.78
C ALA A 461 -19.05 -8.33 8.51
N LYS A 462 -19.63 -9.19 9.33
CA LYS A 462 -20.82 -8.85 10.09
C LYS A 462 -20.54 -7.79 11.14
N VAL A 463 -19.43 -7.94 11.86
CA VAL A 463 -19.04 -6.99 12.87
C VAL A 463 -18.68 -5.65 12.23
N LEU A 464 -17.95 -5.67 11.11
CA LEU A 464 -17.64 -4.41 10.43
C LEU A 464 -18.90 -3.75 9.90
N ALA A 465 -19.87 -4.53 9.41
CA ALA A 465 -21.13 -3.93 8.98
C ALA A 465 -21.82 -3.24 10.15
N GLU A 466 -21.79 -3.87 11.31
CA GLU A 466 -22.39 -3.31 12.52
C GLU A 466 -21.69 -2.00 12.89
N ILE A 467 -20.36 -1.98 12.83
CA ILE A 467 -19.61 -0.77 13.11
C ILE A 467 -19.93 0.33 12.10
N MET A 468 -19.99 -0.04 10.82
CA MET A 468 -20.30 0.95 9.79
C MET A 468 -21.72 1.50 9.89
N ASN A 469 -22.67 0.65 10.28
CA ASN A 469 -24.05 1.07 10.42
C ASN A 469 -24.27 1.96 11.64
N THR A 470 -23.70 1.56 12.78
CA THR A 470 -23.89 2.28 14.03
C THR A 470 -22.90 3.44 14.22
N ARG A 471 -21.81 3.42 13.44
CA ARG A 471 -20.76 4.45 13.52
C ARG A 471 -20.08 4.49 14.88
N LYS A 472 -20.07 3.35 15.57
CA LYS A 472 -19.43 3.25 16.87
C LYS A 472 -18.86 1.85 17.04
N ILE A 473 -17.96 1.72 18.02
CA ILE A 473 -17.53 0.41 18.48
C ILE A 473 -18.58 -0.16 19.42
N PRO A 474 -19.16 -1.34 19.08
CA PRO A 474 -20.17 -1.91 19.97
C PRO A 474 -19.65 -2.14 21.38
N GLU A 475 -20.56 -1.98 22.35
CA GLU A 475 -20.22 -2.08 23.77
C GLU A 475 -19.45 -3.36 24.11
N ARG A 476 -19.83 -4.48 23.50
CA ARG A 476 -19.21 -5.76 23.87
C ARG A 476 -17.73 -5.84 23.53
N PHE A 477 -17.25 -4.93 22.69
CA PHE A 477 -15.84 -4.89 22.32
C PHE A 477 -15.06 -3.79 23.06
N ARG A 478 -15.73 -3.03 23.92
CA ARG A 478 -15.05 -1.95 24.62
C ARG A 478 -14.30 -2.50 25.82
N ASP A 479 -13.27 -1.77 26.25
CA ASP A 479 -12.48 -2.18 27.42
C ASP A 479 -13.35 -2.29 28.67
C1 BTB B . -1.94 -5.67 -0.20
O1 BTB B . -1.45 -5.82 -1.52
C2 BTB B . -0.69 -5.77 0.62
C3 BTB B . -0.02 -7.13 0.29
O3 BTB B . -1.02 -8.17 0.14
C4 BTB B . 0.13 -4.55 0.24
O4 BTB B . -0.52 -3.27 0.00
N BTB B . -0.89 -5.79 2.07
C5 BTB B . -1.95 -6.73 2.49
C6 BTB B . -1.56 -7.59 3.70
O6 BTB B . -0.44 -8.44 3.41
C7 BTB B . 0.42 -6.30 2.52
C8 BTB B . 0.75 -5.94 3.96
O8 BTB B . 1.51 -4.73 3.93
C1 GOL C . 29.82 -0.48 5.51
O1 GOL C . 31.13 -1.02 5.62
C2 GOL C . 28.88 -1.21 6.45
O2 GOL C . 28.57 -2.48 5.91
C3 GOL C . 29.51 -1.37 7.82
O3 GOL C . 28.55 -1.85 8.73
NA NA D . -7.54 8.02 -23.56
#